data_7UW4
#
_entry.id   7UW4
#
_cell.length_a   65.802
_cell.length_b   65.802
_cell.length_c   112.439
_cell.angle_alpha   90.000
_cell.angle_beta   90.000
_cell.angle_gamma   90.000
#
_symmetry.space_group_name_H-M   'P 43 21 2'
#
loop_
_entity.id
_entity.type
_entity.pdbx_description
1 polymer 'Retinoic acid receptor RXR-alpha'
2 polymer 'Nuclear receptor coactivator 2'
3 non-polymer '(2E,4E,6Z,8E)-3,7-dimethyl-8-[2-(3-methylbutyl)-3-propylcyclohex-2-en-1-ylidene]octa-2,4,6-trienoic acid'
4 water water
#
loop_
_entity_poly.entity_id
_entity_poly.type
_entity_poly.pdbx_seq_one_letter_code
_entity_poly.pdbx_strand_id
1 'polypeptide(L)'
;TSSANEDMPVERILEAELAVEPKTETYVEANMGLNPSSPNDPVTNICQAADKQLFTLVEWAKRIPHFSELPLDDQVILLR
AGWNELLIASFSHRSIAVKDGILLATGLHVHRNSAHSAGVGAIFDRVLTELVSKMRDMQMDKTELGCLRAIVLFNPDSKG
LSNPAEVEALREKVYASLEAYCKHKYPEQPGRFAKLLLRLPALRSIGLKCLEHLFFFKLIGDTPIDTFLMEMLEAPHQMT
;
A
2 'polypeptide(L)' KHKILHRLLQDSS B
#
loop_
_chem_comp.id
_chem_comp.type
_chem_comp.name
_chem_comp.formula
OI5 non-polymer '(2E,4E,6Z,8E)-3,7-dimethyl-8-[2-(3-methylbutyl)-3-propylcyclohex-2-en-1-ylidene]octa-2,4,6-trienoic acid' 'C24 H36 O2'
#
# COMPACT_ATOMS: atom_id res chain seq x y z
N ASP A 7 7.33 -4.78 -21.61
CA ASP A 7 8.35 -5.05 -20.60
C ASP A 7 7.73 -4.94 -19.20
N MET A 8 6.83 -3.97 -19.04
CA MET A 8 6.06 -3.79 -17.81
C MET A 8 4.63 -3.49 -18.19
N PRO A 9 3.86 -4.51 -18.57
CA PRO A 9 2.50 -4.27 -19.07
C PRO A 9 1.53 -3.97 -17.94
N VAL A 10 0.67 -2.96 -18.18
CA VAL A 10 -0.31 -2.59 -17.17
C VAL A 10 -1.37 -3.66 -17.00
N GLU A 11 -1.56 -4.52 -18.01
CA GLU A 11 -2.52 -5.61 -17.89
C GLU A 11 -2.15 -6.55 -16.75
N ARG A 12 -0.86 -6.92 -16.65
CA ARG A 12 -0.45 -7.83 -15.57
C ARG A 12 -0.57 -7.16 -14.21
N ILE A 13 -0.29 -5.86 -14.11
CA ILE A 13 -0.44 -5.15 -12.85
C ILE A 13 -1.91 -5.14 -12.42
N LEU A 14 -2.81 -4.83 -13.35
CA LEU A 14 -4.24 -4.91 -13.05
C LEU A 14 -4.64 -6.32 -12.64
N GLU A 15 -4.06 -7.32 -13.28
CA GLU A 15 -4.35 -8.70 -12.90
C GLU A 15 -3.88 -8.99 -11.48
N ALA A 16 -2.73 -8.44 -11.10
CA ALA A 16 -2.26 -8.59 -9.73
C ALA A 16 -3.25 -7.96 -8.76
N GLU A 17 -3.77 -6.78 -9.10
CA GLU A 17 -4.75 -6.14 -8.22
C GLU A 17 -6.01 -6.96 -8.09
N LEU A 18 -6.53 -7.49 -9.20
CA LEU A 18 -7.79 -8.23 -9.16
C LEU A 18 -7.63 -9.64 -8.61
N ALA A 19 -6.41 -10.18 -8.60
CA ALA A 19 -6.18 -11.51 -8.07
C ALA A 19 -6.30 -11.54 -6.55
N VAL A 20 -5.98 -10.43 -5.89
CA VAL A 20 -6.05 -10.32 -4.44
C VAL A 20 -7.37 -9.67 -4.05
N GLU A 21 -8.41 -9.95 -4.83
CA GLU A 21 -9.75 -9.41 -4.64
C GLU A 21 -9.74 -7.88 -4.62
N ASP A 41 -13.01 -1.42 20.51
CA ASP A 41 -11.82 -0.75 19.98
C ASP A 41 -11.61 -1.12 18.52
N PRO A 42 -11.93 -0.20 17.61
CA PRO A 42 -11.67 -0.45 16.19
C PRO A 42 -10.19 -0.53 15.85
N VAL A 43 -9.31 -0.06 16.73
CA VAL A 43 -7.87 -0.21 16.49
C VAL A 43 -7.49 -1.69 16.43
N THR A 44 -8.10 -2.50 17.30
CA THR A 44 -7.84 -3.94 17.29
C THR A 44 -8.30 -4.56 15.96
N ASN A 45 -9.47 -4.17 15.48
CA ASN A 45 -9.97 -4.68 14.21
C ASN A 45 -9.04 -4.26 13.07
N ILE A 46 -8.55 -3.03 13.10
CA ILE A 46 -7.63 -2.55 12.07
C ILE A 46 -6.33 -3.35 12.08
N CYS A 47 -5.81 -3.65 13.27
CA CYS A 47 -4.58 -4.44 13.35
C CYS A 47 -4.81 -5.86 12.83
N GLN A 48 -5.95 -6.47 13.19
CA GLN A 48 -6.28 -7.78 12.65
C GLN A 48 -6.30 -7.75 11.12
N ALA A 49 -6.96 -6.75 10.55
CA ALA A 49 -7.05 -6.65 9.09
C ALA A 49 -5.67 -6.44 8.46
N ALA A 50 -4.82 -5.65 9.12
CA ALA A 50 -3.47 -5.44 8.60
C ALA A 50 -2.67 -6.73 8.58
N ASP A 51 -2.73 -7.49 9.66
CA ASP A 51 -2.04 -8.77 9.67
C ASP A 51 -2.59 -9.69 8.59
N LYS A 52 -3.91 -9.71 8.41
CA LYS A 52 -4.49 -10.53 7.36
C LYS A 52 -3.98 -10.11 5.99
N GLN A 53 -3.82 -8.80 5.77
CA GLN A 53 -3.46 -8.33 4.43
C GLN A 53 -1.97 -8.38 4.15
N LEU A 54 -1.11 -8.56 5.16
CA LEU A 54 0.30 -8.76 4.85
C LEU A 54 0.52 -10.02 4.02
N PHE A 55 -0.09 -11.13 4.45
CA PHE A 55 -0.04 -12.38 3.70
C PHE A 55 -0.48 -12.17 2.25
N THR A 56 -1.58 -11.42 2.06
CA THR A 56 -2.09 -11.15 0.72
C THR A 56 -1.14 -10.26 -0.07
N LEU A 57 -0.47 -9.33 0.60
CA LEU A 57 0.48 -8.45 -0.06
C LEU A 57 1.64 -9.22 -0.64
N VAL A 58 2.08 -10.27 0.05
CA VAL A 58 3.17 -11.10 -0.49
C VAL A 58 2.77 -11.66 -1.86
N GLU A 59 1.57 -12.23 -1.95
CA GLU A 59 1.11 -12.79 -3.21
C GLU A 59 0.97 -11.71 -4.28
N TRP A 60 0.33 -10.59 -3.93
CA TRP A 60 0.24 -9.47 -4.86
C TRP A 60 1.61 -9.12 -5.44
N ALA A 61 2.60 -8.92 -4.58
CA ALA A 61 3.92 -8.53 -5.06
C ALA A 61 4.53 -9.62 -5.92
N LYS A 62 4.30 -10.89 -5.58
CA LYS A 62 4.74 -11.96 -6.45
C LYS A 62 4.13 -11.88 -7.84
N ARG A 63 2.93 -11.30 -7.97
CA ARG A 63 2.33 -11.20 -9.28
C ARG A 63 2.76 -9.96 -10.06
N ILE A 64 3.56 -9.08 -9.48
CA ILE A 64 4.03 -7.89 -10.19
C ILE A 64 5.21 -8.28 -11.07
N PRO A 65 5.23 -7.89 -12.35
CA PRO A 65 6.28 -8.35 -13.26
C PRO A 65 7.67 -8.02 -12.75
N HIS A 66 8.55 -9.02 -12.80
CA HIS A 66 9.99 -8.99 -12.50
C HIS A 66 10.29 -8.90 -11.00
N PHE A 67 9.27 -8.87 -10.13
CA PHE A 67 9.56 -8.79 -8.70
C PHE A 67 10.17 -10.09 -8.18
N SER A 68 9.60 -11.23 -8.57
CA SER A 68 10.12 -12.52 -8.13
C SER A 68 11.53 -12.77 -8.65
N GLU A 69 11.94 -12.08 -9.72
CA GLU A 69 13.25 -12.28 -10.31
C GLU A 69 14.37 -11.54 -9.56
N LEU A 70 14.03 -10.69 -8.60
CA LEU A 70 15.03 -10.02 -7.79
C LEU A 70 15.58 -10.98 -6.73
N PRO A 71 16.77 -10.70 -6.20
CA PRO A 71 17.27 -11.50 -5.09
C PRO A 71 16.30 -11.49 -3.92
N LEU A 72 16.18 -12.65 -3.27
CA LEU A 72 15.21 -12.81 -2.18
C LEU A 72 15.41 -11.76 -1.10
N ASP A 73 16.67 -11.45 -0.77
CA ASP A 73 16.93 -10.43 0.25
C ASP A 73 16.37 -9.08 -0.18
N ASP A 74 16.49 -8.74 -1.47
CA ASP A 74 15.95 -7.46 -1.94
C ASP A 74 14.43 -7.46 -1.96
N GLN A 75 13.81 -8.62 -2.25
CA GLN A 75 12.37 -8.71 -2.11
C GLN A 75 11.93 -8.43 -0.67
N VAL A 76 12.63 -9.05 0.28
CA VAL A 76 12.36 -8.80 1.70
C VAL A 76 12.51 -7.32 2.01
N ILE A 77 13.60 -6.71 1.55
CA ILE A 77 13.87 -5.30 1.84
C ILE A 77 12.74 -4.43 1.28
N LEU A 78 12.33 -4.67 0.03
CA LEU A 78 11.30 -3.84 -0.59
C LEU A 78 9.97 -3.97 0.15
N LEU A 79 9.56 -5.21 0.45
CA LEU A 79 8.28 -5.38 1.13
C LEU A 79 8.33 -4.79 2.54
N ARG A 80 9.43 -4.99 3.27
CA ARG A 80 9.53 -4.43 4.62
C ARG A 80 9.61 -2.92 4.60
N ALA A 81 10.11 -2.32 3.51
CA ALA A 81 10.15 -0.87 3.43
C ALA A 81 8.80 -0.28 3.01
N GLY A 82 8.00 -1.02 2.24
CA GLY A 82 6.79 -0.43 1.68
C GLY A 82 5.44 -1.00 2.09
N TRP A 83 5.42 -1.96 3.01
CA TRP A 83 4.16 -2.66 3.31
C TRP A 83 3.08 -1.71 3.82
N ASN A 84 3.45 -0.76 4.68
CA ASN A 84 2.43 0.10 5.26
C ASN A 84 1.80 1.00 4.21
N GLU A 85 2.62 1.61 3.34
CA GLU A 85 2.07 2.43 2.27
C GLU A 85 1.22 1.59 1.31
N LEU A 86 1.67 0.37 0.98
CA LEU A 86 0.90 -0.47 0.06
C LEU A 86 -0.48 -0.77 0.63
N LEU A 87 -0.53 -1.22 1.89
CA LEU A 87 -1.83 -1.54 2.50
C LEU A 87 -2.71 -0.31 2.67
N ILE A 88 -2.11 0.83 3.03
CA ILE A 88 -2.89 2.06 3.16
C ILE A 88 -3.52 2.43 1.83
N ALA A 89 -2.74 2.39 0.75
CA ALA A 89 -3.29 2.64 -0.58
C ALA A 89 -4.43 1.69 -0.89
N SER A 90 -4.23 0.40 -0.60
CA SER A 90 -5.25 -0.60 -0.90
C SER A 90 -6.57 -0.26 -0.22
N PHE A 91 -6.57 -0.13 1.10
CA PHE A 91 -7.87 0.11 1.73
C PHE A 91 -8.41 1.51 1.46
N SER A 92 -7.55 2.50 1.22
CA SER A 92 -8.03 3.83 0.86
C SER A 92 -8.80 3.78 -0.46
N HIS A 93 -8.27 3.06 -1.45
CA HIS A 93 -9.01 2.92 -2.70
C HIS A 93 -10.27 2.09 -2.50
N ARG A 94 -10.20 1.07 -1.63
CA ARG A 94 -11.37 0.25 -1.37
C ARG A 94 -12.52 1.08 -0.80
N SER A 95 -12.19 2.05 0.04
CA SER A 95 -13.21 2.84 0.72
C SER A 95 -13.78 3.99 -0.14
N ILE A 96 -13.61 3.94 -1.46
CA ILE A 96 -14.21 4.94 -2.33
C ILE A 96 -15.73 4.88 -2.23
N ALA A 97 -16.28 3.67 -2.18
CA ALA A 97 -17.73 3.50 -2.24
C ALA A 97 -18.44 4.05 -1.00
N VAL A 98 -17.72 4.34 0.08
CA VAL A 98 -18.35 4.77 1.31
C VAL A 98 -17.90 6.18 1.65
N LYS A 99 -18.69 6.81 2.52
CA LYS A 99 -18.45 8.17 2.96
C LYS A 99 -18.19 8.18 4.46
N ASP A 100 -17.17 8.93 4.87
CA ASP A 100 -16.80 9.08 6.27
C ASP A 100 -16.52 7.73 6.93
N GLY A 101 -15.84 6.85 6.20
CA GLY A 101 -15.54 5.53 6.76
C GLY A 101 -14.49 4.81 5.95
N ILE A 102 -13.98 3.73 6.53
CA ILE A 102 -12.99 2.88 5.89
C ILE A 102 -13.51 1.45 5.87
N LEU A 103 -13.32 0.77 4.74
CA LEU A 103 -13.68 -0.63 4.59
C LEU A 103 -12.43 -1.48 4.80
N LEU A 104 -12.42 -2.28 5.88
CA LEU A 104 -11.35 -3.23 6.13
C LEU A 104 -11.55 -4.48 5.28
N ALA A 105 -10.44 -5.17 4.99
CA ALA A 105 -10.50 -6.37 4.18
C ALA A 105 -11.22 -7.52 4.87
N THR A 106 -11.42 -7.43 6.18
CA THR A 106 -12.17 -8.44 6.92
C THR A 106 -13.67 -8.31 6.72
N GLY A 107 -14.14 -7.37 5.91
CA GLY A 107 -15.56 -7.12 5.78
C GLY A 107 -16.15 -6.25 6.86
N LEU A 108 -15.33 -5.42 7.49
CA LEU A 108 -15.74 -4.60 8.63
C LEU A 108 -15.56 -3.13 8.27
N HIS A 109 -16.50 -2.29 8.69
CA HIS A 109 -16.46 -0.87 8.41
C HIS A 109 -16.12 -0.10 9.68
N VAL A 110 -15.11 0.76 9.60
CA VAL A 110 -14.77 1.67 10.68
C VAL A 110 -15.31 3.04 10.30
N HIS A 111 -16.24 3.54 11.10
CA HIS A 111 -16.79 4.86 10.86
C HIS A 111 -15.87 5.93 11.44
N ARG A 112 -15.88 7.09 10.80
CA ARG A 112 -15.12 8.23 11.28
C ARG A 112 -15.40 8.51 12.75
N ASN A 113 -16.66 8.39 13.17
CA ASN A 113 -17.01 8.62 14.56
C ASN A 113 -16.41 7.55 15.48
N SER A 114 -16.38 6.29 15.03
CA SER A 114 -15.75 5.25 15.82
C SER A 114 -14.27 5.54 16.03
N ALA A 115 -13.56 5.87 14.96
CA ALA A 115 -12.15 6.20 15.05
C ALA A 115 -11.93 7.39 15.99
N HIS A 116 -12.75 8.43 15.87
CA HIS A 116 -12.59 9.59 16.75
C HIS A 116 -12.86 9.21 18.21
N SER A 117 -13.87 8.37 18.45
CA SER A 117 -14.18 7.96 19.80
C SER A 117 -13.17 6.97 20.37
N ALA A 118 -12.30 6.40 19.54
CA ALA A 118 -11.21 5.57 20.03
C ALA A 118 -9.91 6.33 20.19
N GLY A 119 -9.90 7.63 19.89
CA GLY A 119 -8.72 8.44 20.09
C GLY A 119 -7.77 8.52 18.91
N VAL A 120 -8.18 8.04 17.74
CA VAL A 120 -7.31 8.07 16.55
C VAL A 120 -8.01 8.84 15.45
N GLY A 121 -8.71 9.91 15.81
CA GLY A 121 -9.49 10.65 14.84
C GLY A 121 -8.65 11.46 13.87
N ALA A 122 -7.50 11.96 14.33
CA ALA A 122 -6.68 12.83 13.50
C ALA A 122 -6.13 12.10 12.28
N ILE A 123 -5.45 10.97 12.49
CA ILE A 123 -4.87 10.24 11.38
C ILE A 123 -5.95 9.65 10.49
N PHE A 124 -7.08 9.25 11.08
CA PHE A 124 -8.20 8.74 10.29
C PHE A 124 -8.75 9.81 9.37
N ASP A 125 -8.93 11.03 9.89
CA ASP A 125 -9.37 12.14 9.05
C ASP A 125 -8.33 12.47 7.98
N ARG A 126 -7.05 12.35 8.32
CA ARG A 126 -6.02 12.55 7.31
C ARG A 126 -6.17 11.54 6.17
N VAL A 127 -6.45 10.28 6.51
CA VAL A 127 -6.65 9.26 5.47
C VAL A 127 -7.87 9.60 4.62
N LEU A 128 -8.98 9.96 5.26
CA LEU A 128 -10.20 10.26 4.50
C LEU A 128 -10.00 11.48 3.60
N THR A 129 -9.25 12.47 4.06
CA THR A 129 -9.16 13.75 3.36
C THR A 129 -8.11 13.73 2.26
N GLU A 130 -6.91 13.25 2.57
CA GLU A 130 -5.80 13.34 1.62
C GLU A 130 -5.73 12.16 0.66
N LEU A 131 -6.36 11.03 0.98
CA LEU A 131 -6.27 9.84 0.16
C LEU A 131 -7.62 9.40 -0.40
N VAL A 132 -8.58 9.07 0.46
CA VAL A 132 -9.84 8.49 -0.03
C VAL A 132 -10.60 9.50 -0.87
N SER A 133 -10.82 10.71 -0.33
CA SER A 133 -11.65 11.68 -1.03
C SER A 133 -11.02 12.13 -2.34
N LYS A 134 -9.69 12.18 -2.40
CA LYS A 134 -9.05 12.57 -3.65
C LYS A 134 -9.13 11.46 -4.69
N MET A 135 -8.85 10.22 -4.28
CA MET A 135 -9.09 9.06 -5.14
C MET A 135 -10.52 9.08 -5.70
N ARG A 136 -11.51 9.41 -4.87
CA ARG A 136 -12.89 9.45 -5.35
C ARG A 136 -13.11 10.64 -6.28
N ASP A 137 -12.49 11.77 -5.97
CA ASP A 137 -12.66 12.97 -6.79
C ASP A 137 -12.15 12.75 -8.21
N MET A 138 -11.03 12.04 -8.36
CA MET A 138 -10.45 11.84 -9.68
C MET A 138 -10.87 10.52 -10.31
N GLN A 139 -11.67 9.70 -9.62
CA GLN A 139 -12.10 8.39 -10.11
C GLN A 139 -10.89 7.54 -10.51
N MET A 140 -9.87 7.53 -9.64
CA MET A 140 -8.69 6.69 -9.86
C MET A 140 -9.10 5.23 -10.02
N ASP A 141 -8.72 4.62 -11.14
CA ASP A 141 -9.15 3.26 -11.41
C ASP A 141 -8.14 2.25 -10.85
N LYS A 142 -8.50 0.96 -10.94
CA LYS A 142 -7.69 -0.09 -10.36
C LYS A 142 -6.34 -0.22 -11.06
N THR A 143 -6.30 0.01 -12.37
CA THR A 143 -5.02 -0.03 -13.08
C THR A 143 -4.06 1.03 -12.53
N GLU A 144 -4.55 2.26 -12.35
CA GLU A 144 -3.72 3.32 -11.79
C GLU A 144 -3.33 3.04 -10.35
N LEU A 145 -4.26 2.51 -9.54
CA LEU A 145 -3.90 2.10 -8.18
C LEU A 145 -2.79 1.06 -8.19
N GLY A 146 -2.92 0.05 -9.05
CA GLY A 146 -1.89 -0.97 -9.12
C GLY A 146 -0.55 -0.40 -9.56
N CYS A 147 -0.57 0.56 -10.48
CA CYS A 147 0.69 1.15 -10.94
C CYS A 147 1.34 1.97 -9.85
N LEU A 148 0.55 2.75 -9.10
CA LEU A 148 1.10 3.51 -8.00
C LEU A 148 1.68 2.58 -6.93
N ARG A 149 0.99 1.48 -6.64
CA ARG A 149 1.50 0.52 -5.66
C ARG A 149 2.76 -0.16 -6.16
N ALA A 150 2.87 -0.38 -7.47
CA ALA A 150 4.09 -0.96 -8.01
C ALA A 150 5.25 0.03 -7.92
N ILE A 151 4.97 1.31 -8.14
CA ILE A 151 5.99 2.34 -7.94
C ILE A 151 6.48 2.35 -6.50
N VAL A 152 5.53 2.28 -5.55
CA VAL A 152 5.91 2.25 -4.14
C VAL A 152 6.74 1.00 -3.84
N LEU A 153 6.34 -0.15 -4.41
CA LEU A 153 7.06 -1.40 -4.20
C LEU A 153 8.50 -1.29 -4.68
N PHE A 154 8.70 -0.76 -5.90
CA PHE A 154 10.03 -0.60 -6.48
C PHE A 154 10.63 0.71 -5.97
N ASN A 155 10.93 0.73 -4.67
CA ASN A 155 11.49 1.89 -4.01
C ASN A 155 13.01 1.81 -4.00
N PRO A 156 13.70 2.53 -4.90
CA PRO A 156 15.16 2.39 -5.00
C PRO A 156 15.90 3.02 -3.83
N ASP A 157 15.24 3.84 -3.01
CA ASP A 157 15.86 4.42 -1.84
C ASP A 157 15.92 3.46 -0.66
N SER A 158 15.33 2.27 -0.78
CA SER A 158 15.35 1.30 0.29
C SER A 158 16.78 0.94 0.68
N LYS A 159 17.10 1.10 1.96
CA LYS A 159 18.45 0.88 2.43
C LYS A 159 18.81 -0.61 2.41
N GLY A 160 20.02 -0.91 1.95
CA GLY A 160 20.51 -2.27 1.93
C GLY A 160 20.27 -3.03 0.64
N LEU A 161 19.68 -2.40 -0.37
CA LEU A 161 19.44 -3.09 -1.63
C LEU A 161 20.74 -3.54 -2.26
N SER A 162 20.77 -4.78 -2.73
CA SER A 162 21.98 -5.31 -3.36
C SER A 162 22.30 -4.56 -4.64
N ASN A 163 21.28 -4.04 -5.32
CA ASN A 163 21.47 -3.28 -6.56
C ASN A 163 20.32 -2.31 -6.71
N PRO A 164 20.43 -1.12 -6.12
CA PRO A 164 19.35 -0.13 -6.25
C PRO A 164 19.11 0.34 -7.69
N ALA A 165 20.07 0.10 -8.59
CA ALA A 165 19.89 0.53 -9.98
C ALA A 165 18.82 -0.30 -10.68
N GLU A 166 18.78 -1.62 -10.42
CA GLU A 166 17.75 -2.46 -11.03
C GLU A 166 16.37 -2.06 -10.53
N VAL A 167 16.26 -1.78 -9.23
CA VAL A 167 14.99 -1.35 -8.65
C VAL A 167 14.55 -0.02 -9.27
N GLU A 168 15.50 0.92 -9.40
CA GLU A 168 15.20 2.18 -10.04
C GLU A 168 14.68 1.97 -11.46
N ALA A 169 15.33 1.10 -12.23
CA ALA A 169 14.89 0.83 -13.60
C ALA A 169 13.48 0.27 -13.65
N LEU A 170 13.19 -0.70 -12.79
CA LEU A 170 11.83 -1.24 -12.75
C LEU A 170 10.82 -0.15 -12.41
N ARG A 171 11.17 0.75 -11.48
CA ARG A 171 10.27 1.86 -11.17
C ARG A 171 10.03 2.73 -12.40
N GLU A 172 11.09 3.04 -13.15
CA GLU A 172 10.93 3.83 -14.37
C GLU A 172 10.00 3.15 -15.35
N LYS A 173 10.14 1.84 -15.50
CA LYS A 173 9.25 1.13 -16.41
C LYS A 173 7.81 1.19 -15.93
N VAL A 174 7.59 1.06 -14.62
CA VAL A 174 6.23 1.14 -14.10
C VAL A 174 5.61 2.49 -14.44
N TYR A 175 6.34 3.58 -14.16
CA TYR A 175 5.64 4.84 -14.43
C TYR A 175 5.60 5.20 -15.91
N ALA A 176 6.51 4.67 -16.75
CA ALA A 176 6.34 4.82 -18.18
C ALA A 176 5.03 4.18 -18.63
N SER A 177 4.81 2.93 -18.26
CA SER A 177 3.57 2.27 -18.64
C SER A 177 2.37 3.01 -18.07
N LEU A 178 2.49 3.56 -16.86
CA LEU A 178 1.37 4.26 -16.25
C LEU A 178 1.03 5.53 -17.03
N GLU A 179 2.05 6.29 -17.44
CA GLU A 179 1.80 7.50 -18.21
C GLU A 179 1.19 7.17 -19.57
N ALA A 180 1.67 6.09 -20.19
CA ALA A 180 1.08 5.64 -21.45
C ALA A 180 -0.40 5.31 -21.28
N TYR A 181 -0.71 4.50 -20.26
CA TYR A 181 -2.10 4.14 -19.98
C TYR A 181 -2.96 5.37 -19.72
N CYS A 182 -2.42 6.36 -19.00
CA CYS A 182 -3.19 7.56 -18.70
C CYS A 182 -3.49 8.35 -19.96
N LYS A 183 -2.46 8.57 -20.79
CA LYS A 183 -2.69 9.34 -22.01
C LYS A 183 -3.55 8.60 -23.02
N HIS A 184 -3.64 7.28 -22.92
CA HIS A 184 -4.50 6.53 -23.83
C HIS A 184 -5.94 6.47 -23.33
N LYS A 185 -6.13 6.28 -22.02
CA LYS A 185 -7.46 6.09 -21.45
C LYS A 185 -8.13 7.42 -21.11
N TYR A 186 -7.36 8.43 -20.73
CA TYR A 186 -7.89 9.74 -20.38
C TYR A 186 -7.11 10.82 -21.16
N PRO A 187 -7.29 10.87 -22.48
CA PRO A 187 -6.58 11.88 -23.27
C PRO A 187 -7.01 13.30 -22.96
N GLU A 188 -8.19 13.48 -22.35
CA GLU A 188 -8.71 14.79 -22.03
C GLU A 188 -8.17 15.35 -20.71
N GLN A 189 -7.37 14.57 -19.98
CA GLN A 189 -6.80 14.99 -18.70
C GLN A 189 -5.28 14.93 -18.80
N PRO A 190 -4.65 15.94 -19.41
CA PRO A 190 -3.19 15.93 -19.55
C PRO A 190 -2.44 15.96 -18.22
N GLY A 191 -3.09 16.39 -17.14
CA GLY A 191 -2.43 16.44 -15.85
C GLY A 191 -2.72 15.26 -14.94
N ARG A 192 -3.29 14.17 -15.47
CA ARG A 192 -3.73 13.07 -14.62
C ARG A 192 -2.55 12.27 -14.10
N PHE A 193 -1.55 12.03 -14.97
CA PHE A 193 -0.34 11.31 -14.56
C PHE A 193 0.34 11.98 -13.37
N ALA A 194 0.61 13.28 -13.49
CA ALA A 194 1.22 14.02 -12.40
C ALA A 194 0.33 14.06 -11.18
N LYS A 195 -0.99 14.14 -11.37
CA LYS A 195 -1.88 14.16 -10.22
C LYS A 195 -1.84 12.84 -9.47
N LEU A 196 -1.72 11.73 -10.20
CA LEU A 196 -1.53 10.43 -9.55
C LEU A 196 -0.22 10.38 -8.79
N LEU A 197 0.87 10.86 -9.40
CA LEU A 197 2.15 10.82 -8.72
C LEU A 197 2.18 11.72 -7.49
N LEU A 198 1.41 12.82 -7.51
CA LEU A 198 1.47 13.79 -6.42
C LEU A 198 0.63 13.40 -5.21
N ARG A 199 0.02 12.22 -5.21
CA ARG A 199 -0.55 11.66 -3.99
C ARG A 199 0.47 10.84 -3.19
N LEU A 200 1.60 10.51 -3.81
CA LEU A 200 2.61 9.71 -3.11
C LEU A 200 3.26 10.42 -1.94
N PRO A 201 3.52 11.74 -1.95
CA PRO A 201 4.00 12.39 -0.72
C PRO A 201 3.04 12.25 0.45
N ALA A 202 1.73 12.45 0.20
CA ALA A 202 0.74 12.27 1.25
C ALA A 202 0.72 10.82 1.76
N LEU A 203 0.85 9.86 0.83
CA LEU A 203 0.90 8.46 1.23
C LEU A 203 2.11 8.18 2.12
N ARG A 204 3.27 8.76 1.77
CA ARG A 204 4.47 8.59 2.58
C ARG A 204 4.28 9.15 3.98
N SER A 205 3.80 10.39 4.08
CA SER A 205 3.58 11.02 5.38
C SER A 205 2.60 10.20 6.23
N ILE A 206 1.49 9.78 5.64
CA ILE A 206 0.47 9.06 6.38
C ILE A 206 0.98 7.70 6.82
N GLY A 207 1.77 7.04 5.97
CA GLY A 207 2.37 5.77 6.37
C GLY A 207 3.31 5.91 7.55
N LEU A 208 4.17 6.94 7.53
CA LEU A 208 5.06 7.17 8.66
C LEU A 208 4.26 7.38 9.95
N LYS A 209 3.21 8.21 9.89
CA LYS A 209 2.41 8.47 11.08
C LYS A 209 1.74 7.20 11.60
N CYS A 210 1.17 6.39 10.69
CA CYS A 210 0.54 5.15 11.10
C CYS A 210 1.54 4.20 11.74
N LEU A 211 2.77 4.14 11.20
CA LEU A 211 3.80 3.31 11.83
C LEU A 211 4.11 3.79 13.24
N GLU A 212 4.15 5.11 13.43
CA GLU A 212 4.35 5.64 14.78
C GLU A 212 3.25 5.14 15.72
N HIS A 213 1.99 5.21 15.27
CA HIS A 213 0.89 4.72 16.09
C HIS A 213 1.06 3.25 16.42
N LEU A 214 1.49 2.46 15.44
CA LEU A 214 1.65 1.02 15.67
C LEU A 214 2.72 0.74 16.72
N PHE A 215 3.84 1.47 16.64
CA PHE A 215 4.89 1.28 17.64
C PHE A 215 4.42 1.69 19.02
N PHE A 216 3.62 2.76 19.11
CA PHE A 216 3.08 3.15 20.41
C PHE A 216 2.16 2.07 20.97
N PHE A 217 1.33 1.47 20.12
CA PHE A 217 0.45 0.39 20.57
C PHE A 217 1.26 -0.81 21.05
N LYS A 218 2.35 -1.13 20.35
CA LYS A 218 3.19 -2.26 20.76
C LYS A 218 3.86 -1.99 22.09
N LEU A 219 4.46 -0.81 22.25
CA LEU A 219 5.11 -0.46 23.50
C LEU A 219 4.12 -0.50 24.67
N ILE A 220 2.96 0.16 24.48
CA ILE A 220 1.92 0.11 25.50
C ILE A 220 1.48 -1.33 25.74
N GLY A 221 1.40 -2.12 24.69
CA GLY A 221 1.13 -3.54 24.83
C GLY A 221 -0.27 -3.92 25.25
N ASP A 222 -1.21 -2.97 25.23
CA ASP A 222 -2.61 -3.27 25.51
C ASP A 222 -3.45 -3.40 24.25
N THR A 223 -2.82 -3.74 23.12
CA THR A 223 -3.51 -3.96 21.85
C THR A 223 -2.90 -5.20 21.22
N PRO A 224 -3.70 -6.18 20.82
CA PRO A 224 -3.17 -7.43 20.28
C PRO A 224 -2.56 -7.22 18.89
N ILE A 225 -1.29 -7.56 18.76
CA ILE A 225 -0.58 -7.49 17.48
C ILE A 225 -0.23 -8.92 17.07
N ASP A 226 -0.68 -9.30 15.89
CA ASP A 226 -0.43 -10.66 15.41
C ASP A 226 1.00 -10.80 14.91
N THR A 227 1.35 -12.03 14.52
CA THR A 227 2.75 -12.40 14.35
C THR A 227 3.39 -11.69 13.16
N PHE A 228 2.67 -11.60 12.03
CA PHE A 228 3.26 -11.00 10.83
C PHE A 228 3.43 -9.49 11.00
N LEU A 229 2.40 -8.82 11.52
CA LEU A 229 2.51 -7.40 11.83
C LEU A 229 3.64 -7.15 12.82
N MET A 230 3.70 -7.95 13.88
CA MET A 230 4.78 -7.82 14.85
C MET A 230 6.15 -7.98 14.20
N GLU A 231 6.27 -8.95 13.29
CA GLU A 231 7.54 -9.13 12.59
C GLU A 231 7.87 -7.91 11.73
N MET A 232 6.86 -7.31 11.12
CA MET A 232 7.08 -6.04 10.43
C MET A 232 7.57 -4.96 11.40
N LEU A 233 7.18 -5.05 12.67
CA LEU A 233 7.69 -4.08 13.63
C LEU A 233 9.09 -4.42 14.15
N GLU A 234 9.70 -5.50 13.68
CA GLU A 234 11.00 -5.91 14.20
C GLU A 234 12.12 -5.01 13.68
N ALA A 235 13.24 -5.03 14.40
CA ALA A 235 14.44 -4.33 13.97
C ALA A 235 15.39 -5.29 13.24
N HIS B 2 13.53 -12.44 9.99
CA HIS B 2 12.22 -12.22 9.37
C HIS B 2 11.68 -13.54 8.82
N LYS B 3 11.30 -14.43 9.74
CA LYS B 3 10.92 -15.79 9.39
C LYS B 3 9.77 -15.83 8.38
N ILE B 4 8.65 -15.19 8.76
CA ILE B 4 7.39 -15.36 8.03
C ILE B 4 7.51 -14.85 6.60
N LEU B 5 8.07 -13.65 6.44
CA LEU B 5 8.20 -13.05 5.12
C LEU B 5 9.07 -13.90 4.20
N HIS B 6 10.21 -14.37 4.72
CA HIS B 6 11.08 -15.25 3.95
C HIS B 6 10.33 -16.50 3.51
N ARG B 7 9.65 -17.16 4.45
CA ARG B 7 8.93 -18.39 4.11
C ARG B 7 7.88 -18.14 3.04
N LEU B 8 7.14 -17.03 3.14
CA LEU B 8 6.11 -16.76 2.15
C LEU B 8 6.72 -16.42 0.79
N LEU B 9 7.86 -15.74 0.77
CA LEU B 9 8.47 -15.40 -0.50
C LEU B 9 9.09 -16.62 -1.18
N GLN B 10 9.57 -17.58 -0.41
CA GLN B 10 10.22 -18.73 -1.04
C GLN B 10 9.19 -19.65 -1.70
N ASP B 11 8.04 -19.87 -1.07
CA ASP B 11 7.03 -20.78 -1.59
C ASP B 11 6.42 -20.25 -2.89
C4 OI5 C . -3.26 2.20 11.07
C5 OI5 C . -2.61 1.16 10.47
C6 OI5 C . -1.96 0.08 11.31
C7 OI5 C . -3.37 3.74 13.01
C8 OI5 C . -4.16 3.72 14.30
C10 OI5 C . -4.09 3.17 10.28
C13 OI5 C . -7.55 3.34 8.66
C15 OI5 C . -2.57 1.04 9.05
C17 OI5 C . -2.24 -0.87 7.67
C20 OI5 C . -4.07 -2.25 6.75
C21 OI5 C . -5.41 -2.62 6.55
C22 OI5 C . -5.78 -3.33 5.40
C24 OI5 C . -7.10 -3.78 4.89
C1 OI5 C . -2.65 -0.05 12.65
C11 OI5 C . -5.48 2.66 9.91
C12 OI5 C . -6.48 3.77 9.65
C14 OI5 C . -5.80 5.05 9.18
C16 OI5 C . -1.75 0.22 8.36
C18 OI5 C . -3.55 -1.30 7.61
C19 OI5 C . -0.27 0.48 8.25
C2 OI5 C . -2.68 1.29 13.32
C23 OI5 C . -6.38 -2.24 7.61
C3 OI5 C . -3.10 2.39 12.40
C9 OI5 C . -5.58 3.23 14.10
O1 OI5 C . -7.19 -4.09 3.71
O2 OI5 C . -8.04 -3.84 5.68
#